data_2VAW
#
_entry.id   2VAW
#
_cell.length_a   100.658
_cell.length_b   100.658
_cell.length_c   66.319
_cell.angle_alpha   90.00
_cell.angle_beta   90.00
_cell.angle_gamma   120.00
#
_symmetry.space_group_name_H-M   'P 63'
#
loop_
_entity.id
_entity.type
_entity.pdbx_description
1 polymer 'CELL DIVISION PROTEIN FTSZ'
2 non-polymer "GUANOSINE-5'-DIPHOSPHATE"
3 water water
#
_entity_poly.entity_id   1
_entity_poly.type   'polypeptide(L)'
_entity_poly.pdbx_seq_one_letter_code
;MFELVDNIAQTAVIKVIGVGGGGGNAVNHMAKNNVEGVEFICANTDAQALKNIAARTVLQLGPGVTKGLGAGANPEVGRQ
AALEDRERISEVLEGADMVFITTGMGGGTGTGAAPIIAEVAKEMGILTVAVVTRPFPFEGRKRMQIADEGIRALAESVDS
LITIPNEKLLTILGKDASLLAAFAKADDVLAGAVRGISDIIKRPGMINVDFADVKTVMSEMGMAMMGTGCASGPNRAREA
TEAAIRNPLLEDVNLQGARGILVNITAGPDLSLGEYSDVGNIIEQFASEHATVKVGTVIDADMRDELHVTVVATGLGARL
EKPVKVVDNTVQGSAAQAAAPAQREQQSVNYRDLDRPTVMRNQSHGSAATAAKLNPQDDLDYLDIPAFLRRQAD
;
_entity_poly.pdbx_strand_id   A
#
loop_
_chem_comp.id
_chem_comp.type
_chem_comp.name
_chem_comp.formula
GDP RNA linking GUANOSINE-5'-DIPHOSPHATE 'C10 H15 N5 O11 P2'
#
# COMPACT_ATOMS: atom_id res chain seq x y z
N PHE A 2 2.55 18.13 18.90
CA PHE A 2 1.89 17.40 20.03
C PHE A 2 0.38 17.65 20.04
N GLU A 3 -0.06 18.55 20.90
CA GLU A 3 -1.48 18.88 21.09
C GLU A 3 -2.31 19.26 19.86
N LEU A 4 -1.74 20.11 19.01
CA LEU A 4 -2.43 20.62 17.82
C LEU A 4 -2.58 19.67 16.64
N VAL A 5 -3.81 19.21 16.36
CA VAL A 5 -4.03 18.29 15.23
C VAL A 5 -4.37 19.03 13.94
N ASP A 6 -4.24 18.32 12.81
CA ASP A 6 -4.48 18.92 11.49
C ASP A 6 -5.91 19.12 11.05
N ASN A 7 -6.01 19.80 9.92
CA ASN A 7 -7.24 20.15 9.22
C ASN A 7 -8.26 19.03 9.09
N ILE A 8 -7.88 17.94 8.44
CA ILE A 8 -8.78 16.81 8.23
C ILE A 8 -8.22 15.48 8.73
N ALA A 9 -7.80 15.45 9.99
CA ALA A 9 -7.20 14.26 10.61
C ALA A 9 -7.98 12.94 10.43
N GLN A 10 -8.39 12.32 11.54
CA GLN A 10 -9.13 11.07 11.50
C GLN A 10 -10.22 11.06 10.43
N THR A 11 -10.79 12.24 10.18
CA THR A 11 -11.87 12.41 9.22
C THR A 11 -11.54 12.10 7.77
N ALA A 12 -10.27 12.20 7.39
CA ALA A 12 -9.83 11.96 6.01
C ALA A 12 -10.55 10.83 5.28
N VAL A 13 -11.13 11.16 4.13
CA VAL A 13 -11.85 10.19 3.32
C VAL A 13 -10.87 9.41 2.47
N ILE A 14 -10.59 8.18 2.87
CA ILE A 14 -9.64 7.33 2.16
C ILE A 14 -10.27 6.28 1.26
N LYS A 15 -9.95 6.33 -0.03
CA LYS A 15 -10.45 5.37 -1.00
C LYS A 15 -9.32 4.41 -1.36
N VAL A 16 -9.66 3.18 -1.70
CA VAL A 16 -8.64 2.19 -2.07
C VAL A 16 -9.10 1.49 -3.33
N ILE A 17 -8.35 1.64 -4.41
CA ILE A 17 -8.73 1.03 -5.68
C ILE A 17 -7.75 0.00 -6.24
N GLY A 18 -8.28 -1.19 -6.55
CA GLY A 18 -7.47 -2.26 -7.11
C GLY A 18 -7.67 -2.39 -8.61
N VAL A 19 -6.60 -2.17 -9.36
CA VAL A 19 -6.66 -2.24 -10.81
C VAL A 19 -6.22 -3.58 -11.41
N GLY A 20 -7.01 -4.09 -12.34
CA GLY A 20 -6.67 -5.35 -12.97
C GLY A 20 -7.06 -6.51 -12.11
N GLY A 21 -6.69 -7.71 -12.53
CA GLY A 21 -7.01 -8.92 -11.80
C GLY A 21 -6.39 -8.99 -10.42
N GLY A 22 -5.08 -9.20 -10.39
CA GLY A 22 -4.38 -9.28 -9.12
C GLY A 22 -4.86 -8.22 -8.16
N GLY A 23 -4.95 -6.98 -8.64
CA GLY A 23 -5.40 -5.90 -7.78
C GLY A 23 -6.76 -6.18 -7.19
N GLY A 24 -7.73 -6.49 -8.04
CA GLY A 24 -9.07 -6.80 -7.58
C GLY A 24 -9.00 -7.86 -6.49
N ASN A 25 -8.21 -8.90 -6.73
CA ASN A 25 -8.06 -9.96 -5.73
C ASN A 25 -7.58 -9.40 -4.40
N ALA A 26 -6.48 -8.65 -4.45
CA ALA A 26 -5.92 -8.05 -3.24
C ALA A 26 -6.97 -7.20 -2.53
N VAL A 27 -7.62 -6.32 -3.28
CA VAL A 27 -8.64 -5.46 -2.71
C VAL A 27 -9.76 -6.27 -2.05
N ASN A 28 -10.42 -7.13 -2.82
CA ASN A 28 -11.52 -7.93 -2.28
C ASN A 28 -11.12 -8.67 -1.04
N HIS A 29 -9.83 -8.94 -0.89
CA HIS A 29 -9.29 -9.61 0.30
C HIS A 29 -9.43 -8.64 1.45
N MET A 30 -8.93 -7.43 1.22
CA MET A 30 -8.98 -6.37 2.21
C MET A 30 -10.37 -6.16 2.74
N ALA A 31 -11.33 -6.05 1.83
CA ALA A 31 -12.71 -5.84 2.24
C ALA A 31 -13.06 -6.90 3.28
N LYS A 32 -13.09 -8.15 2.83
CA LYS A 32 -13.40 -9.28 3.70
C LYS A 32 -12.26 -9.49 4.69
N ASN A 33 -11.92 -8.44 5.44
CA ASN A 33 -10.84 -8.52 6.41
C ASN A 33 -10.86 -7.39 7.42
N ASN A 34 -9.69 -7.12 8.00
CA ASN A 34 -9.55 -6.07 9.00
C ASN A 34 -8.98 -4.79 8.39
N VAL A 35 -9.71 -4.22 7.43
CA VAL A 35 -9.31 -2.97 6.78
C VAL A 35 -10.52 -2.05 6.73
N GLU A 36 -10.66 -1.21 7.76
CA GLU A 36 -11.81 -0.31 7.86
C GLU A 36 -11.45 1.15 7.76
N GLY A 37 -12.47 1.96 7.53
CA GLY A 37 -12.28 3.40 7.41
C GLY A 37 -12.03 3.80 5.96
N VAL A 38 -11.88 2.79 5.12
CA VAL A 38 -11.61 3.01 3.71
C VAL A 38 -12.75 2.54 2.83
N GLU A 39 -12.86 3.14 1.65
CA GLU A 39 -13.88 2.78 0.67
C GLU A 39 -13.15 2.00 -0.41
N PHE A 40 -13.52 0.73 -0.60
CA PHE A 40 -12.85 -0.08 -1.61
C PHE A 40 -13.43 0.08 -3.00
N ILE A 41 -12.62 -0.26 -4.01
CA ILE A 41 -13.05 -0.17 -5.41
C ILE A 41 -12.22 -1.08 -6.29
N CYS A 42 -12.89 -1.77 -7.20
CA CYS A 42 -12.19 -2.61 -8.15
C CYS A 42 -12.41 -2.02 -9.54
N ALA A 43 -11.32 -1.87 -10.28
CA ALA A 43 -11.37 -1.32 -11.63
C ALA A 43 -10.64 -2.25 -12.57
N ASN A 44 -11.38 -2.91 -13.45
CA ASN A 44 -10.79 -3.84 -14.40
C ASN A 44 -11.46 -3.66 -15.76
N THR A 45 -10.75 -4.02 -16.83
CA THR A 45 -11.27 -3.91 -18.19
C THR A 45 -12.07 -5.17 -18.50
N ASP A 46 -11.86 -6.18 -17.65
CA ASP A 46 -12.51 -7.49 -17.74
C ASP A 46 -13.87 -7.48 -17.07
N ALA A 47 -14.87 -6.90 -17.74
CA ALA A 47 -16.22 -6.80 -17.19
C ALA A 47 -16.61 -8.03 -16.41
N GLN A 48 -16.19 -9.20 -16.90
CA GLN A 48 -16.50 -10.46 -16.24
C GLN A 48 -16.06 -10.46 -14.78
N ALA A 49 -14.76 -10.28 -14.57
CA ALA A 49 -14.18 -10.27 -13.25
C ALA A 49 -14.97 -9.45 -12.23
N LEU A 50 -15.40 -8.26 -12.63
CA LEU A 50 -16.13 -7.38 -11.73
C LEU A 50 -17.45 -7.94 -11.20
N LYS A 51 -17.88 -9.10 -11.71
CA LYS A 51 -19.12 -9.69 -11.27
C LYS A 51 -18.97 -10.39 -9.92
N ASN A 52 -19.83 -9.99 -8.98
CA ASN A 52 -19.86 -10.54 -7.62
C ASN A 52 -18.53 -10.49 -6.85
N ILE A 53 -18.27 -9.33 -6.25
CA ILE A 53 -17.05 -9.13 -5.49
C ILE A 53 -17.36 -8.22 -4.29
N ALA A 54 -16.59 -8.40 -3.23
CA ALA A 54 -16.75 -7.62 -2.00
C ALA A 54 -16.98 -6.12 -2.22
N ALA A 55 -15.92 -5.38 -2.52
CA ALA A 55 -16.02 -3.94 -2.76
C ALA A 55 -17.35 -3.56 -3.39
N ARG A 56 -18.03 -2.59 -2.79
CA ARG A 56 -19.32 -2.15 -3.29
C ARG A 56 -19.22 -1.06 -4.34
N THR A 57 -18.02 -0.88 -4.89
CA THR A 57 -17.81 0.13 -5.92
C THR A 57 -16.89 -0.49 -6.93
N VAL A 58 -17.33 -0.54 -8.18
CA VAL A 58 -16.51 -1.12 -9.24
C VAL A 58 -16.53 -0.22 -10.45
N LEU A 59 -15.49 -0.31 -11.26
CA LEU A 59 -15.41 0.50 -12.46
C LEU A 59 -14.87 -0.33 -13.60
N GLN A 60 -15.69 -0.52 -14.62
CA GLN A 60 -15.24 -1.29 -15.75
C GLN A 60 -14.60 -0.34 -16.73
N LEU A 61 -13.35 -0.62 -17.07
CA LEU A 61 -12.58 0.21 -17.96
C LEU A 61 -12.65 -0.18 -19.44
N GLY A 62 -12.48 0.82 -20.30
CA GLY A 62 -12.49 0.58 -21.72
C GLY A 62 -13.64 -0.26 -22.25
N PRO A 63 -14.87 0.15 -21.97
CA PRO A 63 -16.01 -0.63 -22.46
C PRO A 63 -15.89 -0.67 -23.96
N GLY A 64 -15.53 0.47 -24.52
CA GLY A 64 -15.37 0.54 -25.96
C GLY A 64 -14.23 -0.33 -26.38
N VAL A 65 -13.02 0.12 -26.04
CA VAL A 65 -11.79 -0.56 -26.37
C VAL A 65 -11.75 -2.07 -26.22
N THR A 66 -12.27 -2.59 -25.10
CA THR A 66 -12.21 -4.02 -24.85
C THR A 66 -13.52 -4.79 -24.95
N LYS A 67 -14.63 -4.11 -24.72
CA LYS A 67 -15.92 -4.77 -24.74
C LYS A 67 -15.93 -5.77 -23.58
N GLY A 68 -15.69 -5.27 -22.38
CA GLY A 68 -15.68 -6.11 -21.19
C GLY A 68 -14.83 -7.36 -21.32
N LEU A 69 -13.85 -7.34 -22.21
CA LEU A 69 -13.00 -8.51 -22.38
C LEU A 69 -11.60 -8.39 -21.81
N GLY A 70 -11.25 -7.21 -21.29
CA GLY A 70 -9.95 -6.99 -20.67
C GLY A 70 -8.66 -7.12 -21.45
N ALA A 71 -7.90 -6.03 -21.46
CA ALA A 71 -6.61 -5.95 -22.15
C ALA A 71 -5.79 -7.22 -21.98
N GLY A 72 -5.83 -8.08 -23.00
CA GLY A 72 -5.11 -9.34 -22.97
C GLY A 72 -3.67 -9.20 -22.54
N ALA A 73 -3.45 -9.10 -21.24
CA ALA A 73 -2.11 -8.97 -20.69
C ALA A 73 -1.31 -7.90 -21.40
N ASN A 74 -1.99 -7.08 -22.21
CA ASN A 74 -1.30 -6.02 -22.92
C ASN A 74 -1.48 -4.67 -22.24
N PRO A 75 -0.38 -4.12 -21.70
CA PRO A 75 -0.44 -2.83 -21.01
C PRO A 75 -1.09 -1.75 -21.83
N GLU A 76 -0.67 -1.61 -23.08
CA GLU A 76 -1.21 -0.57 -23.95
C GLU A 76 -2.73 -0.59 -23.97
N VAL A 77 -3.31 -1.78 -23.96
CA VAL A 77 -4.76 -1.87 -23.99
C VAL A 77 -5.30 -1.36 -22.68
N GLY A 78 -4.54 -1.57 -21.61
CA GLY A 78 -5.00 -1.12 -20.31
C GLY A 78 -4.94 0.39 -20.26
N ARG A 79 -3.88 0.96 -20.81
CA ARG A 79 -3.71 2.40 -20.81
C ARG A 79 -4.78 3.05 -21.67
N GLN A 80 -5.12 2.42 -22.79
CA GLN A 80 -6.14 2.98 -23.69
C GLN A 80 -7.52 2.94 -23.08
N ALA A 81 -7.85 1.83 -22.45
CA ALA A 81 -9.15 1.67 -21.84
C ALA A 81 -9.32 2.74 -20.76
N ALA A 82 -8.24 2.98 -20.03
CA ALA A 82 -8.23 3.95 -18.95
C ALA A 82 -8.45 5.37 -19.47
N LEU A 83 -7.72 5.75 -20.51
CA LEU A 83 -7.89 7.09 -21.04
C LEU A 83 -9.30 7.27 -21.54
N GLU A 84 -9.87 6.20 -22.05
CA GLU A 84 -11.24 6.27 -22.53
C GLU A 84 -12.14 6.66 -21.37
N ASP A 85 -11.88 6.11 -20.19
CA ASP A 85 -12.72 6.38 -19.02
C ASP A 85 -12.33 7.50 -18.06
N ARG A 86 -11.39 8.34 -18.49
CA ARG A 86 -10.93 9.47 -17.69
C ARG A 86 -12.03 10.05 -16.80
N GLU A 87 -13.13 10.51 -17.41
CA GLU A 87 -14.24 11.10 -16.68
C GLU A 87 -14.69 10.19 -15.56
N ARG A 88 -15.09 8.98 -15.91
CA ARG A 88 -15.55 8.00 -14.94
C ARG A 88 -14.62 7.85 -13.75
N ILE A 89 -13.32 7.78 -14.04
CA ILE A 89 -12.29 7.65 -13.02
C ILE A 89 -12.41 8.76 -12.01
N SER A 90 -12.50 9.99 -12.51
CA SER A 90 -12.61 11.15 -11.66
C SER A 90 -13.90 11.14 -10.83
N GLU A 91 -15.01 10.75 -11.45
CA GLU A 91 -16.28 10.71 -10.74
C GLU A 91 -16.18 9.77 -9.55
N VAL A 92 -15.36 8.74 -9.68
CA VAL A 92 -15.17 7.76 -8.63
C VAL A 92 -14.23 8.25 -7.53
N LEU A 93 -13.36 9.19 -7.90
CA LEU A 93 -12.36 9.74 -7.00
C LEU A 93 -12.79 10.92 -6.15
N GLU A 94 -13.73 11.70 -6.66
CA GLU A 94 -14.19 12.90 -5.95
C GLU A 94 -14.49 12.72 -4.49
N GLY A 95 -13.98 13.66 -3.70
CA GLY A 95 -14.22 13.64 -2.26
C GLY A 95 -13.15 12.95 -1.45
N ALA A 96 -12.18 12.39 -2.14
CA ALA A 96 -11.10 11.67 -1.49
C ALA A 96 -10.01 12.60 -1.00
N ASP A 97 -9.45 12.28 0.15
CA ASP A 97 -8.37 13.05 0.71
C ASP A 97 -7.11 12.31 0.30
N MET A 98 -7.23 11.00 0.25
CA MET A 98 -6.13 10.15 -0.10
C MET A 98 -6.63 8.95 -0.87
N VAL A 99 -5.82 8.49 -1.82
CA VAL A 99 -6.18 7.35 -2.65
C VAL A 99 -5.11 6.31 -2.65
N PHE A 100 -5.55 5.07 -2.68
CA PHE A 100 -4.65 3.96 -2.70
C PHE A 100 -4.79 3.17 -3.98
N ILE A 101 -3.86 3.35 -4.89
CA ILE A 101 -3.89 2.61 -6.13
C ILE A 101 -3.05 1.37 -5.86
N THR A 102 -3.70 0.22 -5.93
CA THR A 102 -3.01 -1.03 -5.67
C THR A 102 -3.21 -1.98 -6.83
N THR A 103 -2.13 -2.60 -7.28
CA THR A 103 -2.26 -3.52 -8.39
C THR A 103 -1.00 -4.35 -8.57
N GLY A 104 -1.14 -5.48 -9.26
CA GLY A 104 0.00 -6.34 -9.53
C GLY A 104 0.55 -5.93 -10.89
N MET A 105 1.80 -5.48 -10.92
CA MET A 105 2.39 -5.06 -12.19
C MET A 105 2.84 -6.32 -12.96
N GLY A 106 2.86 -6.21 -14.29
CA GLY A 106 3.26 -7.34 -15.13
C GLY A 106 2.15 -7.76 -16.08
N GLY A 107 0.92 -7.33 -15.77
CA GLY A 107 -0.23 -7.67 -16.61
C GLY A 107 -0.60 -6.56 -17.57
N GLY A 108 -1.84 -6.58 -18.05
CA GLY A 108 -2.27 -5.56 -19.00
C GLY A 108 -3.10 -4.43 -18.44
N THR A 109 -4.22 -4.78 -17.81
CA THR A 109 -5.11 -3.80 -17.21
C THR A 109 -4.30 -3.00 -16.20
N GLY A 110 -3.98 -3.66 -15.08
CA GLY A 110 -3.23 -3.04 -14.01
C GLY A 110 -2.00 -2.27 -14.44
N THR A 111 -1.09 -2.95 -15.14
CA THR A 111 0.17 -2.34 -15.60
C THR A 111 -0.01 -1.01 -16.31
N GLY A 112 -0.80 -1.01 -17.38
CA GLY A 112 -1.01 0.20 -18.15
C GLY A 112 -2.04 1.16 -17.63
N ALA A 113 -3.05 0.66 -16.93
CA ALA A 113 -4.10 1.55 -16.42
C ALA A 113 -3.76 2.33 -15.16
N ALA A 114 -3.04 1.71 -14.23
CA ALA A 114 -2.69 2.37 -12.97
C ALA A 114 -2.09 3.77 -13.13
N PRO A 115 -0.99 3.86 -13.89
CA PRO A 115 -0.42 5.20 -14.03
C PRO A 115 -1.44 6.27 -14.42
N ILE A 116 -2.37 5.96 -15.31
CA ILE A 116 -3.36 6.96 -15.71
C ILE A 116 -4.19 7.38 -14.52
N ILE A 117 -4.70 6.40 -13.80
CA ILE A 117 -5.52 6.68 -12.62
C ILE A 117 -4.74 7.56 -11.62
N ALA A 118 -3.47 7.24 -11.39
CA ALA A 118 -2.65 8.04 -10.48
C ALA A 118 -2.62 9.47 -11.00
N GLU A 119 -2.41 9.60 -12.29
CA GLU A 119 -2.38 10.88 -12.97
C GLU A 119 -3.65 11.69 -12.66
N VAL A 120 -4.79 11.04 -12.79
CA VAL A 120 -6.04 11.71 -12.52
C VAL A 120 -6.00 12.25 -11.11
N ALA A 121 -6.12 11.36 -10.14
CA ALA A 121 -6.11 11.72 -8.72
C ALA A 121 -5.06 12.77 -8.37
N LYS A 122 -3.83 12.52 -8.76
CA LYS A 122 -2.75 13.44 -8.49
C LYS A 122 -3.14 14.85 -8.93
N GLU A 123 -3.87 14.96 -10.04
CA GLU A 123 -4.30 16.27 -10.51
C GLU A 123 -5.37 16.84 -9.58
N MET A 124 -6.38 16.06 -9.24
CA MET A 124 -7.43 16.52 -8.34
C MET A 124 -6.84 16.93 -6.99
N GLY A 125 -5.53 16.79 -6.84
CA GLY A 125 -4.92 17.17 -5.59
C GLY A 125 -5.26 16.17 -4.49
N ILE A 126 -5.20 14.90 -4.81
CA ILE A 126 -5.48 13.87 -3.82
C ILE A 126 -4.13 13.28 -3.44
N LEU A 127 -3.92 12.94 -2.17
CA LEU A 127 -2.65 12.35 -1.80
C LEU A 127 -2.67 10.96 -2.45
N THR A 128 -1.83 10.80 -3.48
CA THR A 128 -1.77 9.56 -4.23
C THR A 128 -0.65 8.62 -3.84
N VAL A 129 -1.02 7.46 -3.32
CA VAL A 129 -0.04 6.46 -2.91
C VAL A 129 -0.35 5.16 -3.65
N ALA A 130 0.66 4.62 -4.32
CA ALA A 130 0.50 3.39 -5.07
C ALA A 130 1.25 2.27 -4.37
N VAL A 131 0.59 1.14 -4.23
CA VAL A 131 1.16 -0.03 -3.59
C VAL A 131 1.08 -1.09 -4.64
N VAL A 132 2.22 -1.50 -5.18
CA VAL A 132 2.24 -2.52 -6.23
C VAL A 132 3.33 -3.57 -6.08
N THR A 133 3.05 -4.75 -6.64
CA THR A 133 3.97 -5.86 -6.59
C THR A 133 4.78 -5.94 -7.87
N ARG A 134 5.71 -6.88 -7.87
CA ARG A 134 6.57 -7.14 -9.00
C ARG A 134 6.54 -8.65 -9.20
N PRO A 135 6.22 -9.10 -10.42
CA PRO A 135 6.15 -10.52 -10.78
C PRO A 135 7.10 -11.43 -10.02
N PHE A 136 6.69 -12.67 -9.82
CA PHE A 136 7.54 -13.63 -9.15
C PHE A 136 8.50 -14.04 -10.22
N PRO A 137 9.70 -14.51 -9.82
CA PRO A 137 10.67 -14.93 -10.83
C PRO A 137 9.99 -15.89 -11.81
N PHE A 138 9.22 -16.81 -11.26
CA PHE A 138 8.56 -17.79 -12.07
C PHE A 138 7.47 -17.28 -12.97
N GLU A 139 7.45 -15.98 -13.24
CA GLU A 139 6.43 -15.43 -14.13
C GLU A 139 6.96 -15.08 -15.52
N GLY A 140 8.27 -15.21 -15.68
CA GLY A 140 8.87 -14.92 -16.97
C GLY A 140 9.43 -13.51 -17.05
N ARG A 141 10.56 -13.37 -17.73
CA ARG A 141 11.20 -12.07 -17.90
C ARG A 141 10.20 -11.20 -18.61
N LYS A 142 9.48 -11.81 -19.55
CA LYS A 142 8.48 -11.11 -20.31
C LYS A 142 7.67 -10.24 -19.36
N ARG A 143 6.95 -10.88 -18.45
CA ARG A 143 6.14 -10.15 -17.51
C ARG A 143 6.97 -9.25 -16.61
N MET A 144 8.07 -9.79 -16.10
CA MET A 144 8.91 -9.00 -15.20
C MET A 144 9.40 -7.75 -15.94
N GLN A 145 9.53 -7.84 -17.27
CA GLN A 145 9.98 -6.72 -18.06
C GLN A 145 8.94 -5.60 -18.08
N ILE A 146 7.67 -5.98 -18.25
CA ILE A 146 6.57 -5.02 -18.28
C ILE A 146 6.38 -4.32 -16.94
N ALA A 147 6.60 -5.05 -15.86
CA ALA A 147 6.48 -4.49 -14.52
C ALA A 147 7.39 -3.27 -14.39
N ASP A 148 8.68 -3.45 -14.58
CA ASP A 148 9.62 -2.33 -14.46
C ASP A 148 9.09 -1.19 -15.29
N GLU A 149 8.68 -1.52 -16.51
CA GLU A 149 8.17 -0.54 -17.45
C GLU A 149 7.10 0.34 -16.85
N GLY A 150 6.04 -0.29 -16.36
CA GLY A 150 4.94 0.45 -15.77
C GLY A 150 5.35 1.19 -14.51
N ILE A 151 6.15 0.53 -13.69
CA ILE A 151 6.61 1.13 -12.45
C ILE A 151 7.35 2.44 -12.71
N ARG A 152 8.14 2.45 -13.78
CA ARG A 152 8.88 3.65 -14.16
C ARG A 152 7.84 4.72 -14.44
N ALA A 153 6.84 4.41 -15.27
CA ALA A 153 5.80 5.36 -15.61
C ALA A 153 4.93 5.76 -14.42
N LEU A 154 4.56 4.77 -13.63
CA LEU A 154 3.74 5.00 -12.45
C LEU A 154 4.41 6.05 -11.56
N ALA A 155 5.68 5.80 -11.23
CA ALA A 155 6.45 6.70 -10.37
C ALA A 155 6.30 8.15 -10.81
N GLU A 156 6.24 8.37 -12.12
CA GLU A 156 6.11 9.71 -12.67
C GLU A 156 4.86 10.45 -12.21
N SER A 157 3.88 9.75 -11.65
CA SER A 157 2.67 10.45 -11.26
C SER A 157 1.99 10.04 -9.95
N VAL A 158 2.80 9.71 -8.95
CA VAL A 158 2.29 9.33 -7.64
C VAL A 158 3.11 10.10 -6.61
N ASP A 159 2.49 10.48 -5.48
CA ASP A 159 3.24 11.19 -4.45
C ASP A 159 4.26 10.22 -3.90
N SER A 160 3.89 8.95 -3.84
CA SER A 160 4.78 7.90 -3.35
C SER A 160 4.45 6.54 -3.98
N LEU A 161 5.47 5.76 -4.28
CA LEU A 161 5.27 4.44 -4.88
C LEU A 161 5.94 3.28 -4.11
N ILE A 162 5.12 2.46 -3.47
CA ILE A 162 5.63 1.32 -2.72
C ILE A 162 5.74 0.08 -3.61
N THR A 163 6.97 -0.34 -3.85
CA THR A 163 7.20 -1.51 -4.64
C THR A 163 7.30 -2.71 -3.73
N ILE A 164 6.77 -3.85 -4.17
CA ILE A 164 6.86 -5.05 -3.38
C ILE A 164 7.43 -6.17 -4.26
N PRO A 165 8.71 -6.47 -4.07
CA PRO A 165 9.39 -7.51 -4.84
C PRO A 165 8.80 -8.87 -4.46
N ASN A 166 7.93 -9.38 -5.30
CA ASN A 166 7.32 -10.66 -4.99
C ASN A 166 8.33 -11.74 -4.68
N GLU A 167 9.55 -11.59 -5.17
CA GLU A 167 10.59 -12.60 -4.90
C GLU A 167 10.62 -12.82 -3.40
N LYS A 168 10.91 -11.76 -2.68
CA LYS A 168 11.00 -11.75 -1.23
C LYS A 168 9.94 -12.62 -0.56
N LEU A 169 8.72 -12.54 -1.07
CA LEU A 169 7.62 -13.33 -0.55
C LEU A 169 7.97 -14.82 -0.52
N LEU A 170 8.75 -15.26 -1.51
CA LEU A 170 9.18 -16.64 -1.55
C LEU A 170 10.16 -16.80 -0.43
N THR A 171 11.11 -15.87 -0.36
CA THR A 171 12.13 -15.86 0.68
C THR A 171 11.40 -16.30 1.94
N ILE A 172 10.49 -15.45 2.40
CA ILE A 172 9.70 -15.72 3.57
C ILE A 172 9.15 -17.14 3.42
N LEU A 173 7.96 -17.26 2.83
CA LEU A 173 7.31 -18.55 2.62
C LEU A 173 8.24 -19.75 2.75
N GLY A 174 9.31 -19.77 1.98
CA GLY A 174 10.26 -20.86 2.01
C GLY A 174 9.61 -22.22 1.75
N LYS A 175 9.60 -23.05 2.78
CA LYS A 175 9.01 -24.37 2.71
C LYS A 175 7.63 -24.36 2.05
N ASP A 176 6.65 -23.78 2.73
CA ASP A 176 5.28 -23.74 2.23
C ASP A 176 5.04 -22.92 0.97
N ALA A 177 6.12 -22.49 0.35
CA ALA A 177 5.99 -21.72 -0.88
C ALA A 177 5.16 -22.54 -1.87
N SER A 178 4.18 -21.91 -2.49
CA SER A 178 3.32 -22.57 -3.47
C SER A 178 2.36 -21.55 -4.06
N LEU A 179 2.15 -21.60 -5.36
CA LEU A 179 1.25 -20.68 -6.05
C LEU A 179 0.14 -20.11 -5.15
N LEU A 180 -0.67 -21.00 -4.57
CA LEU A 180 -1.76 -20.56 -3.69
C LEU A 180 -1.27 -19.54 -2.68
N ALA A 181 -0.35 -20.02 -1.83
CA ALA A 181 0.25 -19.25 -0.77
C ALA A 181 0.93 -17.99 -1.29
N ALA A 182 1.73 -18.15 -2.34
CA ALA A 182 2.47 -17.06 -2.95
C ALA A 182 1.58 -15.84 -3.17
N PHE A 183 0.53 -16.03 -3.97
CA PHE A 183 -0.38 -14.94 -4.26
C PHE A 183 -1.23 -14.56 -3.05
N ALA A 184 -1.56 -15.55 -2.24
CA ALA A 184 -2.35 -15.25 -1.06
C ALA A 184 -1.50 -14.32 -0.19
N LYS A 185 -0.21 -14.64 -0.10
CA LYS A 185 0.73 -13.87 0.68
C LYS A 185 0.76 -12.46 0.12
N ALA A 186 0.91 -12.37 -1.19
CA ALA A 186 0.93 -11.09 -1.88
C ALA A 186 -0.27 -10.30 -1.39
N ASP A 187 -1.46 -10.89 -1.54
CA ASP A 187 -2.69 -10.23 -1.09
C ASP A 187 -2.47 -9.64 0.30
N ASP A 188 -2.13 -10.51 1.23
CA ASP A 188 -1.89 -10.14 2.60
C ASP A 188 -0.91 -8.98 2.77
N VAL A 189 0.23 -9.05 2.10
CA VAL A 189 1.22 -8.00 2.25
C VAL A 189 0.70 -6.67 1.77
N LEU A 190 0.06 -6.68 0.60
CA LEU A 190 -0.51 -5.46 0.05
C LEU A 190 -1.50 -4.90 1.05
N ALA A 191 -2.30 -5.77 1.64
CA ALA A 191 -3.27 -5.35 2.64
C ALA A 191 -2.53 -4.64 3.77
N GLY A 192 -1.40 -5.23 4.17
CA GLY A 192 -0.63 -4.67 5.25
C GLY A 192 -0.15 -3.27 4.93
N ALA A 193 0.33 -3.10 3.70
CA ALA A 193 0.82 -1.81 3.28
C ALA A 193 -0.28 -0.76 3.40
N VAL A 194 -1.46 -1.07 2.85
CA VAL A 194 -2.60 -0.16 2.87
C VAL A 194 -3.15 0.04 4.27
N ARG A 195 -3.40 -1.08 4.96
CA ARG A 195 -3.91 -1.07 6.32
C ARG A 195 -2.86 -0.39 7.18
N GLY A 196 -1.61 -0.68 6.87
CA GLY A 196 -0.50 -0.12 7.59
C GLY A 196 -0.57 1.39 7.73
N ILE A 197 -0.85 2.07 6.62
CA ILE A 197 -0.91 3.53 6.63
C ILE A 197 -2.25 4.09 7.05
N SER A 198 -3.33 3.64 6.41
CA SER A 198 -4.64 4.16 6.76
C SER A 198 -4.98 3.99 8.25
N ASP A 199 -4.57 2.87 8.84
CA ASP A 199 -4.89 2.66 10.24
C ASP A 199 -4.32 3.75 11.10
N ILE A 200 -3.14 4.23 10.73
CA ILE A 200 -2.47 5.29 11.45
C ILE A 200 -3.28 6.58 11.45
N ILE A 201 -4.09 6.76 10.41
CA ILE A 201 -4.92 7.95 10.28
C ILE A 201 -6.30 7.72 10.83
N LYS A 202 -6.84 6.54 10.53
CA LYS A 202 -8.19 6.18 10.93
C LYS A 202 -8.38 5.61 12.31
N ARG A 203 -7.48 4.76 12.77
CA ARG A 203 -7.63 4.16 14.10
C ARG A 203 -6.49 4.48 15.06
N PRO A 204 -6.26 5.79 15.32
CA PRO A 204 -5.20 6.27 16.21
C PRO A 204 -5.13 5.58 17.58
N GLY A 205 -3.93 5.55 18.14
CA GLY A 205 -3.72 4.97 19.45
C GLY A 205 -3.56 6.13 20.39
N MET A 206 -2.90 5.91 21.54
CA MET A 206 -2.70 6.97 22.53
C MET A 206 -1.84 8.12 21.95
N ILE A 207 -0.79 7.76 21.24
CA ILE A 207 0.05 8.76 20.60
C ILE A 207 -0.32 8.67 19.14
N ASN A 208 -0.63 9.79 18.50
CA ASN A 208 -1.05 9.67 17.12
C ASN A 208 -0.42 10.59 16.10
N VAL A 209 -0.45 10.11 14.87
CA VAL A 209 0.05 10.81 13.70
C VAL A 209 -1.22 11.11 12.89
N ASP A 210 -1.27 12.28 12.27
CA ASP A 210 -2.45 12.61 11.51
C ASP A 210 -2.15 12.70 10.01
N PHE A 211 -3.12 13.21 9.28
CA PHE A 211 -3.02 13.39 7.84
C PHE A 211 -1.92 14.40 7.52
N ALA A 212 -1.83 15.47 8.30
CA ALA A 212 -0.78 16.44 8.05
C ALA A 212 0.58 15.76 8.20
N ASP A 213 0.75 14.99 9.28
CA ASP A 213 2.02 14.27 9.52
C ASP A 213 2.33 13.35 8.35
N VAL A 214 1.34 12.56 7.94
CA VAL A 214 1.53 11.64 6.83
C VAL A 214 1.83 12.38 5.53
N LYS A 215 0.98 13.34 5.18
CA LYS A 215 1.17 14.10 3.96
C LYS A 215 2.64 14.46 3.86
N THR A 216 3.21 14.97 4.95
CA THR A 216 4.61 15.35 4.97
C THR A 216 5.56 14.26 4.49
N VAL A 217 5.74 13.24 5.33
CA VAL A 217 6.64 12.13 5.01
C VAL A 217 6.29 11.34 3.75
N MET A 218 5.10 11.58 3.22
CA MET A 218 4.61 10.84 2.07
C MET A 218 4.38 11.61 0.78
N SER A 219 3.97 12.87 0.89
CA SER A 219 3.72 13.70 -0.29
C SER A 219 4.96 13.85 -1.15
N GLU A 220 4.76 13.69 -2.47
CA GLU A 220 5.84 13.81 -3.46
C GLU A 220 7.23 13.39 -3.00
N MET A 221 7.32 12.20 -2.45
CA MET A 221 8.57 11.62 -2.01
C MET A 221 8.95 10.63 -3.08
N GLY A 222 7.94 9.90 -3.55
CA GLY A 222 8.13 8.90 -4.59
C GLY A 222 9.10 7.82 -4.17
N MET A 223 8.80 6.60 -4.60
CA MET A 223 9.65 5.43 -4.34
C MET A 223 9.83 5.09 -2.86
N ALA A 224 9.04 4.12 -2.42
CA ALA A 224 9.08 3.68 -1.05
C ALA A 224 9.12 2.16 -0.99
N MET A 225 9.44 1.64 0.20
CA MET A 225 9.51 0.22 0.46
C MET A 225 9.04 0.09 1.91
N MET A 226 8.67 -1.12 2.33
CA MET A 226 8.21 -1.33 3.71
C MET A 226 8.50 -2.71 4.25
N GLY A 227 8.43 -2.87 5.56
CA GLY A 227 8.70 -4.14 6.18
C GLY A 227 7.95 -4.24 7.50
N THR A 228 7.52 -5.45 7.84
CA THR A 228 6.75 -5.68 9.06
C THR A 228 7.48 -6.49 10.14
N GLY A 229 7.01 -6.33 11.37
CA GLY A 229 7.57 -7.03 12.51
C GLY A 229 6.40 -7.27 13.44
N CYS A 230 6.40 -8.36 14.19
CA CYS A 230 5.27 -8.63 15.07
C CYS A 230 5.58 -9.49 16.30
N ALA A 231 6.05 -8.86 17.37
CA ALA A 231 6.38 -9.60 18.59
C ALA A 231 5.31 -9.52 19.67
N SER A 232 5.60 -10.15 20.80
CA SER A 232 4.72 -10.17 21.95
C SER A 232 5.58 -10.59 23.15
N GLY A 233 5.03 -10.42 24.35
CA GLY A 233 5.79 -10.76 25.54
C GLY A 233 6.41 -9.50 26.11
N PRO A 234 7.11 -9.57 27.24
CA PRO A 234 7.75 -8.41 27.88
C PRO A 234 8.53 -7.46 26.99
N ASN A 235 8.99 -7.93 25.84
CA ASN A 235 9.75 -7.06 24.96
C ASN A 235 9.22 -6.99 23.54
N ARG A 236 7.94 -7.29 23.38
CA ARG A 236 7.32 -7.26 22.07
C ARG A 236 7.74 -6.03 21.27
N ALA A 237 8.04 -4.95 21.97
CA ALA A 237 8.46 -3.71 21.30
C ALA A 237 9.77 -3.89 20.52
N ARG A 238 10.89 -3.85 21.24
CA ARG A 238 12.20 -3.99 20.60
C ARG A 238 12.18 -5.08 19.54
N GLU A 239 11.68 -6.24 19.94
CA GLU A 239 11.59 -7.39 19.06
C GLU A 239 10.83 -7.09 17.77
N ALA A 240 9.54 -6.80 17.91
CA ALA A 240 8.71 -6.51 16.76
C ALA A 240 9.40 -5.51 15.84
N THR A 241 10.17 -4.60 16.41
CA THR A 241 10.88 -3.61 15.59
C THR A 241 12.04 -4.26 14.84
N GLU A 242 12.86 -5.01 15.56
CA GLU A 242 14.00 -5.69 14.94
C GLU A 242 13.44 -6.44 13.73
N ALA A 243 12.49 -7.32 14.01
CA ALA A 243 11.82 -8.12 12.98
C ALA A 243 11.37 -7.28 11.77
N ALA A 244 10.84 -6.10 12.04
CA ALA A 244 10.37 -5.20 10.99
C ALA A 244 11.51 -4.86 10.02
N ILE A 245 12.56 -4.23 10.54
CA ILE A 245 13.70 -3.88 9.71
C ILE A 245 14.29 -5.13 9.06
N ARG A 246 14.48 -6.17 9.88
CA ARG A 246 15.04 -7.41 9.38
C ARG A 246 14.10 -8.12 8.38
N ASN A 247 13.01 -7.45 8.02
CA ASN A 247 12.06 -8.03 7.07
C ASN A 247 12.72 -8.07 5.69
N PRO A 248 12.58 -9.21 4.99
CA PRO A 248 13.16 -9.39 3.66
C PRO A 248 12.76 -8.25 2.73
N LEU A 249 11.48 -7.88 2.79
CA LEU A 249 10.95 -6.79 1.97
C LEU A 249 11.71 -5.49 2.15
N LEU A 250 12.69 -5.50 3.06
CA LEU A 250 13.51 -4.32 3.34
C LEU A 250 14.95 -4.82 3.42
N GLU A 251 15.22 -5.85 2.62
CA GLU A 251 16.52 -6.49 2.59
C GLU A 251 17.62 -5.62 1.99
N ASP A 252 17.37 -5.11 0.79
CA ASP A 252 18.34 -4.29 0.09
C ASP A 252 18.03 -2.80 0.14
N VAL A 253 17.53 -2.33 1.27
CA VAL A 253 17.20 -0.93 1.43
C VAL A 253 18.06 -0.21 2.47
N ASN A 254 18.67 0.89 2.05
CA ASN A 254 19.53 1.68 2.92
C ASN A 254 18.74 2.80 3.60
N LEU A 255 18.11 2.46 4.73
CA LEU A 255 17.30 3.43 5.46
C LEU A 255 18.00 4.75 5.68
N GLN A 256 19.32 4.73 5.77
CA GLN A 256 20.09 5.96 5.94
C GLN A 256 19.69 6.87 4.80
N GLY A 257 19.34 6.25 3.68
CA GLY A 257 18.95 7.01 2.51
C GLY A 257 17.54 7.57 2.50
N ALA A 258 16.59 6.82 3.04
CA ALA A 258 15.21 7.28 3.08
C ALA A 258 15.10 8.70 3.65
N ARG A 259 14.53 9.60 2.84
CA ARG A 259 14.34 10.99 3.21
C ARG A 259 13.23 11.09 4.24
N GLY A 260 12.30 10.15 4.19
CA GLY A 260 11.22 10.13 5.14
C GLY A 260 10.95 8.71 5.62
N ILE A 261 10.68 8.56 6.91
CA ILE A 261 10.39 7.26 7.51
C ILE A 261 9.10 7.37 8.30
N LEU A 262 8.17 6.45 8.05
CA LEU A 262 6.88 6.46 8.74
C LEU A 262 6.74 5.15 9.49
N VAL A 263 6.33 5.21 10.75
CA VAL A 263 6.22 4.00 11.54
C VAL A 263 4.85 3.78 12.16
N ASN A 264 4.45 2.52 12.24
CA ASN A 264 3.18 2.15 12.81
C ASN A 264 3.28 1.10 13.92
N ILE A 265 2.72 1.41 15.07
CA ILE A 265 2.72 0.46 16.16
C ILE A 265 1.25 0.12 16.39
N THR A 266 0.90 -1.15 16.23
CA THR A 266 -0.47 -1.57 16.46
C THR A 266 -0.45 -2.55 17.62
N ALA A 267 -1.19 -2.24 18.68
CA ALA A 267 -1.23 -3.12 19.85
C ALA A 267 -2.54 -2.96 20.66
N GLY A 268 -2.64 -3.73 21.75
CA GLY A 268 -3.81 -3.64 22.59
C GLY A 268 -3.87 -2.29 23.28
N PRO A 269 -4.92 -2.04 24.08
CA PRO A 269 -5.12 -0.79 24.82
C PRO A 269 -4.03 -0.56 25.86
N ASP A 270 -3.15 -1.56 26.00
CA ASP A 270 -2.05 -1.50 26.97
C ASP A 270 -0.76 -0.92 26.42
N LEU A 271 -0.69 -0.73 25.10
CA LEU A 271 0.51 -0.18 24.50
C LEU A 271 0.90 1.08 25.28
N SER A 272 1.90 0.93 26.15
CA SER A 272 2.37 2.02 26.98
C SER A 272 3.34 2.92 26.28
N LEU A 273 3.42 4.15 26.76
CA LEU A 273 4.35 5.12 26.20
C LEU A 273 5.75 4.51 26.26
N GLY A 274 5.97 3.67 27.26
CA GLY A 274 7.26 3.02 27.42
C GLY A 274 7.72 2.46 26.10
N GLU A 275 6.96 1.50 25.59
CA GLU A 275 7.29 0.86 24.32
C GLU A 275 7.45 1.85 23.16
N TYR A 276 6.45 2.69 22.95
CA TYR A 276 6.51 3.67 21.90
C TYR A 276 7.92 4.25 21.78
N SER A 277 8.50 4.62 22.93
CA SER A 277 9.85 5.20 22.96
C SER A 277 10.87 4.28 22.32
N ASP A 278 10.85 3.03 22.77
CA ASP A 278 11.76 2.00 22.28
C ASP A 278 11.67 1.93 20.75
N VAL A 279 10.45 1.77 20.27
CA VAL A 279 10.15 1.68 18.84
C VAL A 279 10.83 2.81 18.09
N GLY A 280 10.64 4.03 18.58
CA GLY A 280 11.25 5.18 17.93
C GLY A 280 12.76 5.25 18.10
N ASN A 281 13.26 4.91 19.28
CA ASN A 281 14.69 4.99 19.48
C ASN A 281 15.39 4.11 18.48
N ILE A 282 15.00 2.84 18.44
CA ILE A 282 15.59 1.91 17.50
C ILE A 282 15.57 2.54 16.11
N ILE A 283 14.43 3.07 15.73
CA ILE A 283 14.31 3.69 14.42
C ILE A 283 15.32 4.83 14.26
N GLU A 284 15.22 5.83 15.12
CA GLU A 284 16.09 7.01 15.06
C GLU A 284 17.56 6.73 14.82
N GLN A 285 17.98 5.49 15.03
CA GLN A 285 19.38 5.13 14.83
C GLN A 285 19.63 4.79 13.37
N PHE A 286 18.78 3.94 12.82
CA PHE A 286 18.89 3.52 11.43
C PHE A 286 18.57 4.65 10.45
N ALA A 287 17.90 5.69 10.94
CA ALA A 287 17.53 6.81 10.10
C ALA A 287 18.65 7.82 10.01
N SER A 288 18.62 8.60 8.94
CA SER A 288 19.62 9.63 8.74
C SER A 288 19.12 10.85 9.50
N GLU A 289 19.95 11.35 10.40
CA GLU A 289 19.60 12.49 11.21
C GLU A 289 18.78 13.54 10.47
N HIS A 290 18.94 13.62 9.14
CA HIS A 290 18.18 14.58 8.34
C HIS A 290 16.77 14.06 8.03
N ALA A 291 16.66 12.75 7.88
CA ALA A 291 15.40 12.12 7.58
C ALA A 291 14.33 12.63 8.53
N THR A 292 13.13 12.80 7.99
CA THR A 292 11.99 13.24 8.78
C THR A 292 11.27 11.97 9.18
N VAL A 293 11.26 11.68 10.48
CA VAL A 293 10.63 10.49 11.01
C VAL A 293 9.33 10.75 11.77
N LYS A 294 8.25 10.12 11.31
CA LYS A 294 6.93 10.26 11.92
C LYS A 294 6.50 8.92 12.51
N VAL A 295 6.37 8.84 13.83
CA VAL A 295 5.95 7.59 14.46
C VAL A 295 4.56 7.73 15.03
N GLY A 296 3.71 6.76 14.73
CA GLY A 296 2.34 6.81 15.22
C GLY A 296 1.84 5.51 15.79
N THR A 297 0.75 5.61 16.55
CA THR A 297 0.13 4.47 17.21
C THR A 297 -1.25 4.11 16.66
N VAL A 298 -1.57 2.82 16.65
CA VAL A 298 -2.87 2.37 16.19
C VAL A 298 -3.44 1.53 17.32
N ILE A 299 -4.76 1.61 17.50
CA ILE A 299 -5.39 0.85 18.56
C ILE A 299 -6.23 -0.27 17.99
N ASP A 300 -6.02 -1.47 18.51
CA ASP A 300 -6.78 -2.62 18.06
C ASP A 300 -7.18 -3.43 19.29
N ALA A 301 -8.48 -3.64 19.44
CA ALA A 301 -8.99 -4.43 20.55
C ALA A 301 -8.88 -5.92 20.20
N ASP A 302 -9.52 -6.33 19.10
CA ASP A 302 -9.52 -7.71 18.62
C ASP A 302 -8.11 -8.26 18.35
N MET A 303 -7.19 -7.89 19.23
CA MET A 303 -5.79 -8.30 19.18
C MET A 303 -5.32 -8.34 20.62
N ARG A 304 -4.38 -9.24 20.93
CA ARG A 304 -3.95 -9.33 22.30
C ARG A 304 -2.58 -8.79 22.66
N ASP A 305 -1.77 -9.64 23.26
CA ASP A 305 -0.44 -9.27 23.70
C ASP A 305 0.47 -8.89 22.56
N GLU A 306 0.19 -9.43 21.38
CA GLU A 306 1.02 -9.14 20.23
C GLU A 306 1.05 -7.66 19.89
N LEU A 307 2.22 -7.19 19.45
CA LEU A 307 2.42 -5.80 19.06
C LEU A 307 3.15 -5.77 17.72
N HIS A 308 2.43 -5.37 16.67
CA HIS A 308 2.98 -5.32 15.32
C HIS A 308 3.49 -3.95 14.96
N VAL A 309 4.75 -3.89 14.53
CA VAL A 309 5.36 -2.65 14.10
C VAL A 309 5.51 -2.75 12.58
N THR A 310 5.30 -1.62 11.91
CA THR A 310 5.38 -1.56 10.46
C THR A 310 6.07 -0.26 10.02
N VAL A 311 7.24 -0.42 9.39
CA VAL A 311 8.00 0.74 8.93
C VAL A 311 7.85 0.95 7.44
N VAL A 312 7.94 2.20 7.03
CA VAL A 312 7.78 2.57 5.63
C VAL A 312 8.81 3.65 5.28
N ALA A 313 9.76 3.28 4.44
CA ALA A 313 10.83 4.18 4.02
C ALA A 313 10.49 4.95 2.75
N THR A 314 10.26 6.24 2.89
CA THR A 314 9.91 7.10 1.76
C THR A 314 11.07 7.86 1.13
N GLY A 315 10.78 8.50 0.00
CA GLY A 315 11.77 9.26 -0.71
C GLY A 315 13.10 8.53 -0.80
N LEU A 316 13.05 7.27 -1.21
CA LEU A 316 14.28 6.51 -1.32
C LEU A 316 15.14 6.99 -2.47
PB GDP B . -4.26 -7.47 -15.27
O1B GDP B . -4.06 -7.60 -16.81
O2B GDP B . -5.56 -8.01 -14.89
O3B GDP B . -3.89 -6.12 -14.85
O3A GDP B . -3.12 -8.42 -14.74
PA GDP B . -3.25 -9.76 -13.92
O1A GDP B . -4.08 -9.52 -12.74
O2A GDP B . -3.57 -10.88 -14.83
O5' GDP B . -1.71 -9.87 -13.49
C5' GDP B . -1.16 -8.84 -12.67
C4' GDP B . 0.11 -9.29 -11.95
O4' GDP B . -0.19 -9.29 -10.56
C3' GDP B . 0.64 -10.67 -12.29
O3' GDP B . 1.67 -10.62 -13.27
C2' GDP B . 1.05 -11.28 -10.94
O2' GDP B . 2.43 -11.12 -10.60
C1' GDP B . 0.16 -10.54 -9.97
N9 GDP B . -1.08 -11.29 -9.57
C8 GDP B . -1.94 -12.09 -10.28
N7 GDP B . -2.93 -12.60 -9.60
C5 GDP B . -2.72 -12.10 -8.32
C6 GDP B . -3.48 -12.30 -7.10
O6 GDP B . -4.48 -12.97 -6.92
N1 GDP B . -2.92 -11.60 -6.00
C2 GDP B . -1.78 -10.80 -6.05
N2 GDP B . -1.41 -10.22 -4.91
N3 GDP B . -1.06 -10.62 -7.18
C4 GDP B . -1.59 -11.29 -8.28
#